data_6MQF
#
_entry.id   6MQF
#
_cell.length_a   39.553
_cell.length_b   65.540
_cell.length_c   55.121
_cell.angle_alpha   90.000
_cell.angle_beta   92.720
_cell.angle_gamma   90.000
#
_symmetry.space_group_name_H-M   'P 1 21 1'
#
loop_
_entity.id
_entity.type
_entity.pdbx_description
1 polymer 'Basic phospholipase A2 homolog 2'
2 non-polymer 'DIMETHYL SULFOXIDE'
3 non-polymer '2-(ACETYLOXY)BENZOIC ACID'
4 water water
#
_entity_poly.entity_id   1
_entity_poly.type   'polypeptide(L)'
_entity_poly.pdbx_seq_one_letter_code
;SLFELGKMILQETGKNPAKSYGVYGCNCGVGGRGKPKDATDRCCYVHKCCYKKLTGCDPKKDRYSYSWKDKTIVCGENNS
CLKELCECDKAVAICLRENLDTYNKKYRYNYLKPFCKKADPC
;
_entity_poly.pdbx_strand_id   A,B
#
loop_
_chem_comp.id
_chem_comp.type
_chem_comp.name
_chem_comp.formula
AIN non-polymer '2-(ACETYLOXY)BENZOIC ACID' 'C9 H8 O4'
DMS non-polymer 'DIMETHYL SULFOXIDE' 'C2 H6 O S'
#
# COMPACT_ATOMS: atom_id res chain seq x y z
N SER A 1 -11.07 -12.75 -5.93
CA SER A 1 -9.68 -12.28 -6.02
C SER A 1 -9.72 -10.87 -6.59
N LEU A 2 -8.58 -10.18 -6.60
CA LEU A 2 -8.52 -8.85 -7.20
C LEU A 2 -8.96 -8.85 -8.65
N PHE A 3 -8.88 -10.01 -9.35
CA PHE A 3 -9.29 -10.02 -10.75
C PHE A 3 -10.80 -9.86 -10.88
N GLU A 4 -11.59 -10.64 -10.10
CA GLU A 4 -13.06 -10.45 -10.14
C GLU A 4 -13.44 -9.04 -9.67
N LEU A 5 -12.81 -8.58 -8.61
CA LEU A 5 -13.11 -7.23 -8.10
C LEU A 5 -12.91 -6.18 -9.19
N GLY A 6 -11.76 -6.25 -9.86
CA GLY A 6 -11.48 -5.28 -10.91
C GLY A 6 -12.52 -5.31 -12.01
N LYS A 7 -12.92 -6.50 -12.43
CA LYS A 7 -13.91 -6.64 -13.49
C LYS A 7 -15.23 -6.00 -13.09
N MET A 8 -15.69 -6.26 -11.86
CA MET A 8 -16.93 -5.62 -11.39
C MET A 8 -16.81 -4.10 -11.40
N ILE A 9 -15.66 -3.58 -10.93
CA ILE A 9 -15.49 -2.12 -10.88
C ILE A 9 -15.47 -1.52 -12.28
N LEU A 10 -14.74 -2.15 -13.22
CA LEU A 10 -14.75 -1.68 -14.61
C LEU A 10 -16.16 -1.63 -15.19
N GLN A 11 -16.96 -2.66 -14.95
CA GLN A 11 -18.28 -2.69 -15.57
C GLN A 11 -19.24 -1.71 -14.90
N GLU A 12 -19.14 -1.51 -13.58
CA GLU A 12 -20.10 -0.63 -12.92
C GLU A 12 -19.75 0.86 -13.08
N THR A 13 -18.45 1.21 -13.00
CA THR A 13 -18.02 2.61 -13.04
C THR A 13 -17.59 3.09 -14.42
N GLY A 14 -17.21 2.18 -15.31
CA GLY A 14 -16.64 2.59 -16.58
C GLY A 14 -15.20 3.06 -16.51
N LYS A 15 -14.62 3.14 -15.31
CA LYS A 15 -13.27 3.65 -15.11
C LYS A 15 -12.23 2.52 -15.06
N ASN A 16 -10.98 2.88 -15.44
CA ASN A 16 -9.84 2.01 -15.22
C ASN A 16 -9.74 1.70 -13.72
N PRO A 17 -9.97 0.46 -13.25
CA PRO A 17 -10.09 0.25 -11.81
C PRO A 17 -8.80 0.53 -11.04
N ALA A 18 -7.66 -0.01 -11.50
CA ALA A 18 -6.42 0.18 -10.71
C ALA A 18 -5.95 1.62 -10.79
N LYS A 19 -6.03 2.24 -11.96
CA LYS A 19 -5.59 3.64 -12.06
C LYS A 19 -6.45 4.56 -11.19
N SER A 20 -7.78 4.38 -11.18
CA SER A 20 -8.68 5.33 -10.55
C SER A 20 -8.82 5.09 -9.04
N TYR A 21 -8.69 3.82 -8.60
CA TYR A 21 -8.94 3.46 -7.21
C TYR A 21 -7.78 2.73 -6.52
N GLY A 22 -6.72 2.38 -7.25
CA GLY A 22 -5.64 1.58 -6.67
C GLY A 22 -4.85 2.25 -5.56
N VAL A 23 -4.85 3.59 -5.50
CA VAL A 23 -4.16 4.29 -4.42
C VAL A 23 -5.02 5.43 -3.89
N TYR A 24 -6.37 5.34 -4.02
CA TYR A 24 -7.22 6.51 -3.75
C TYR A 24 -7.49 6.68 -2.26
N GLY A 25 -7.34 7.94 -1.78
CA GLY A 25 -7.74 8.27 -0.41
C GLY A 25 -7.00 7.44 0.64
N CYS A 26 -7.65 7.29 1.80
CA CYS A 26 -7.03 6.57 2.90
C CYS A 26 -7.39 5.09 2.96
N ASN A 27 -8.36 4.62 2.14
CA ASN A 27 -8.88 3.26 2.24
C ASN A 27 -8.95 2.47 0.93
N CYS A 28 -8.81 3.09 -0.26
CA CYS A 28 -8.98 2.37 -1.51
C CYS A 28 -7.67 1.74 -1.98
N GLY A 29 -7.76 0.51 -2.46
CA GLY A 29 -6.55 -0.06 -3.02
C GLY A 29 -5.49 -0.56 -2.04
N VAL A 30 -4.21 -0.37 -2.43
CA VAL A 30 -3.10 -0.90 -1.64
C VAL A 30 -3.10 -0.30 -0.23
N GLY A 31 -2.59 -1.08 0.73
CA GLY A 31 -2.47 -0.60 2.10
C GLY A 31 -3.66 -0.98 2.94
N GLY A 32 -3.85 -0.23 4.04
CA GLY A 32 -4.86 -0.58 5.03
C GLY A 32 -5.96 0.45 5.14
N ARG A 33 -6.43 0.72 6.36
CA ARG A 33 -7.55 1.61 6.59
C ARG A 33 -7.09 2.91 7.23
N GLY A 34 -7.91 3.96 7.09
CA GLY A 34 -7.66 5.23 7.77
C GLY A 34 -8.91 6.09 7.73
N LYS A 35 -8.85 7.24 8.38
CA LYS A 35 -10.02 8.12 8.39
C LYS A 35 -10.45 8.49 6.97
N PRO A 36 -11.68 8.16 6.56
CA PRO A 36 -12.07 8.38 5.16
C PRO A 36 -12.13 9.87 4.79
N LYS A 37 -11.71 10.17 3.55
CA LYS A 37 -11.67 11.55 3.07
C LYS A 37 -12.99 12.05 2.47
N ASP A 38 -13.79 11.14 1.91
CA ASP A 38 -15.00 11.49 1.15
C ASP A 38 -15.84 10.23 0.92
N ALA A 39 -16.92 10.36 0.12
CA ALA A 39 -17.86 9.23 0.00
C ALA A 39 -17.24 8.03 -0.71
N THR A 40 -16.46 8.28 -1.77
CA THR A 40 -15.70 7.20 -2.41
C THR A 40 -14.84 6.45 -1.41
N ASP A 41 -14.09 7.19 -0.59
CA ASP A 41 -13.21 6.59 0.41
C ASP A 41 -14.01 5.80 1.45
N ARG A 42 -15.20 6.28 1.84
CA ARG A 42 -16.01 5.49 2.75
C ARG A 42 -16.45 4.17 2.12
N CYS A 43 -16.80 4.15 0.81
CA CYS A 43 -17.05 2.85 0.16
C CYS A 43 -15.90 1.88 0.42
N CYS A 44 -14.67 2.37 0.24
CA CYS A 44 -13.49 1.52 0.37
C CYS A 44 -13.23 1.08 1.82
N TYR A 45 -13.54 1.94 2.80
CA TYR A 45 -13.43 1.57 4.21
C TYR A 45 -14.37 0.41 4.52
N VAL A 46 -15.64 0.52 4.09
CA VAL A 46 -16.63 -0.53 4.32
C VAL A 46 -16.17 -1.85 3.72
N HIS A 47 -15.56 -1.78 2.53
CA HIS A 47 -15.04 -2.96 1.82
C HIS A 47 -13.87 -3.62 2.59
N LYS A 48 -12.95 -2.80 3.11
CA LYS A 48 -11.84 -3.42 3.85
C LYS A 48 -12.33 -4.03 5.16
N CYS A 49 -13.34 -3.43 5.80
CA CYS A 49 -13.92 -4.06 6.98
C CYS A 49 -14.58 -5.39 6.64
N CYS A 50 -15.22 -5.44 5.45
CA CYS A 50 -15.81 -6.67 4.96
C CYS A 50 -14.76 -7.77 4.78
N TYR A 51 -13.64 -7.44 4.14
CA TYR A 51 -12.55 -8.41 4.01
C TYR A 51 -12.05 -8.87 5.37
N LYS A 52 -12.02 -7.98 6.36
CA LYS A 52 -11.41 -8.33 7.65
C LYS A 52 -12.17 -9.44 8.35
N LYS A 53 -13.48 -9.54 8.12
CA LYS A 53 -14.28 -10.61 8.70
C LYS A 53 -14.06 -11.98 8.05
N LEU A 54 -13.45 -12.06 6.87
CA LEU A 54 -13.36 -13.34 6.14
C LEU A 54 -12.08 -14.10 6.52
N THR A 55 -12.16 -14.93 7.54
CA THR A 55 -10.98 -15.69 7.92
C THR A 55 -10.81 -17.03 7.19
N GLY A 56 -11.89 -17.60 6.60
CA GLY A 56 -11.98 -18.90 5.95
C GLY A 56 -11.50 -19.00 4.52
N CYS A 57 -10.94 -17.92 3.97
CA CYS A 57 -10.54 -17.79 2.56
C CYS A 57 -9.65 -16.57 2.41
N ASP A 58 -8.99 -16.46 1.23
CA ASP A 58 -8.04 -15.38 0.95
C ASP A 58 -8.63 -14.36 -0.01
N PRO A 59 -9.02 -13.17 0.45
CA PRO A 59 -9.75 -12.23 -0.44
C PRO A 59 -8.95 -11.74 -1.64
N LYS A 60 -7.63 -11.60 -1.51
CA LYS A 60 -6.80 -11.14 -2.63
C LYS A 60 -6.59 -12.18 -3.72
N LYS A 61 -6.49 -13.48 -3.39
CA LYS A 61 -6.06 -14.51 -4.33
C LYS A 61 -7.14 -15.48 -4.76
N ASP A 62 -8.17 -15.74 -3.93
CA ASP A 62 -9.11 -16.84 -4.19
C ASP A 62 -10.16 -16.46 -5.23
N ARG A 63 -10.30 -17.29 -6.26
CA ARG A 63 -11.28 -17.03 -7.31
C ARG A 63 -12.68 -17.42 -6.86
N TYR A 64 -13.71 -16.79 -7.46
CA TYR A 64 -15.10 -17.21 -7.23
C TYR A 64 -15.95 -17.01 -8.48
N SER A 65 -17.11 -17.66 -8.50
CA SER A 65 -18.03 -17.59 -9.62
C SER A 65 -19.12 -16.55 -9.38
N TYR A 66 -19.42 -15.76 -10.40
CA TYR A 66 -20.56 -14.84 -10.39
C TYR A 66 -21.02 -14.65 -11.83
N SER A 67 -22.24 -14.12 -12.01
CA SER A 67 -22.77 -13.92 -13.35
C SER A 67 -23.60 -12.64 -13.37
N TRP A 68 -24.00 -12.22 -14.56
CA TRP A 68 -24.89 -11.06 -14.75
C TRP A 68 -26.26 -11.56 -15.17
N LYS A 69 -27.30 -11.16 -14.42
CA LYS A 69 -28.70 -11.41 -14.77
C LYS A 69 -29.30 -10.03 -15.11
N ASP A 70 -29.48 -9.80 -16.41
CA ASP A 70 -29.72 -8.45 -16.89
C ASP A 70 -28.66 -7.50 -16.30
N LYS A 71 -29.03 -6.48 -15.54
CA LYS A 71 -28.02 -5.55 -15.00
C LYS A 71 -27.57 -5.88 -13.58
N THR A 72 -28.02 -7.00 -13.00
CA THR A 72 -27.72 -7.38 -11.62
C THR A 72 -26.54 -8.35 -11.56
N ILE A 73 -25.55 -8.02 -10.71
CA ILE A 73 -24.52 -9.00 -10.34
C ILE A 73 -25.12 -10.04 -9.40
N VAL A 74 -24.97 -11.32 -9.75
CA VAL A 74 -25.45 -12.41 -8.89
C VAL A 74 -24.28 -13.30 -8.47
N CYS A 75 -24.05 -13.37 -7.17
CA CYS A 75 -22.97 -14.19 -6.66
C CYS A 75 -23.40 -15.64 -6.69
N GLY A 76 -22.56 -16.50 -7.26
CA GLY A 76 -22.87 -17.93 -7.29
C GLY A 76 -22.77 -18.54 -5.91
N GLU A 77 -23.24 -19.78 -5.76
CA GLU A 77 -23.34 -20.35 -4.42
C GLU A 77 -21.96 -20.54 -3.77
N ASN A 78 -20.95 -20.96 -4.56
CA ASN A 78 -19.59 -21.15 -4.06
C ASN A 78 -19.60 -21.97 -2.76
N ASN A 79 -18.67 -21.72 -1.83
CA ASN A 79 -18.78 -22.10 -0.41
C ASN A 79 -19.03 -20.82 0.39
N SER A 80 -19.17 -20.95 1.73
CA SER A 80 -19.69 -19.81 2.53
C SER A 80 -18.80 -18.58 2.40
N CYS A 81 -17.50 -18.78 2.62
CA CYS A 81 -16.57 -17.66 2.61
C CYS A 81 -16.51 -17.02 1.22
N LEU A 82 -16.48 -17.83 0.16
CA LEU A 82 -16.35 -17.28 -1.18
C LEU A 82 -17.61 -16.53 -1.59
N LYS A 83 -18.78 -16.99 -1.14
CA LYS A 83 -20.00 -16.24 -1.39
C LYS A 83 -19.95 -14.89 -0.68
N GLU A 84 -19.52 -14.86 0.58
CA GLU A 84 -19.42 -13.58 1.29
C GLU A 84 -18.41 -12.65 0.63
N LEU A 85 -17.30 -13.23 0.15
CA LEU A 85 -16.28 -12.45 -0.56
C LEU A 85 -16.88 -11.78 -1.80
N CYS A 86 -17.61 -12.54 -2.60
CA CYS A 86 -18.27 -11.98 -3.78
C CYS A 86 -19.23 -10.87 -3.40
N GLU A 87 -20.00 -11.04 -2.31
CA GLU A 87 -20.91 -9.97 -1.91
C GLU A 87 -20.13 -8.72 -1.49
N CYS A 88 -18.96 -8.86 -0.81
CA CYS A 88 -18.16 -7.67 -0.47
C CYS A 88 -17.82 -6.91 -1.75
N ASP A 89 -17.39 -7.63 -2.77
CA ASP A 89 -16.89 -6.96 -3.98
C ASP A 89 -18.04 -6.33 -4.77
N LYS A 90 -19.15 -7.05 -4.90
CA LYS A 90 -20.33 -6.48 -5.55
C LYS A 90 -20.78 -5.18 -4.88
N ALA A 91 -20.77 -5.17 -3.54
CA ALA A 91 -21.24 -3.99 -2.81
C ALA A 91 -20.33 -2.79 -3.07
N VAL A 92 -19.02 -2.98 -3.04
CA VAL A 92 -18.15 -1.83 -3.27
C VAL A 92 -18.22 -1.34 -4.73
N ALA A 93 -18.39 -2.26 -5.70
CA ALA A 93 -18.44 -1.82 -7.10
C ALA A 93 -19.67 -0.92 -7.34
N ILE A 94 -20.80 -1.29 -6.77
CA ILE A 94 -22.01 -0.45 -6.85
C ILE A 94 -21.81 0.88 -6.13
N CYS A 95 -21.24 0.84 -4.92
CA CYS A 95 -21.00 2.06 -4.13
C CYS A 95 -20.13 3.05 -4.90
N LEU A 96 -19.06 2.55 -5.55
CA LEU A 96 -18.16 3.46 -6.26
C LEU A 96 -18.86 4.15 -7.43
N ARG A 97 -19.72 3.39 -8.15
CA ARG A 97 -20.49 3.98 -9.25
C ARG A 97 -21.45 5.07 -8.76
N GLU A 98 -22.17 4.80 -7.68
CA GLU A 98 -23.14 5.76 -7.18
C GLU A 98 -22.49 7.04 -6.68
N ASN A 99 -21.21 6.99 -6.32
CA ASN A 99 -20.48 8.13 -5.80
C ASN A 99 -19.50 8.75 -6.78
N LEU A 100 -19.62 8.40 -8.07
CA LEU A 100 -18.82 9.07 -9.10
C LEU A 100 -18.99 10.59 -9.07
N ASP A 101 -20.18 11.10 -8.67
CA ASP A 101 -20.40 12.54 -8.70
C ASP A 101 -19.49 13.32 -7.77
N THR A 102 -18.88 12.67 -6.75
CA THR A 102 -17.92 13.36 -5.87
C THR A 102 -16.53 12.77 -5.93
N TYR A 103 -16.25 11.90 -6.90
CA TYR A 103 -14.88 11.45 -7.12
C TYR A 103 -13.95 12.65 -7.32
N ASN A 104 -12.83 12.66 -6.57
CA ASN A 104 -11.88 13.77 -6.52
C ASN A 104 -10.51 13.30 -7.01
N LYS A 105 -10.09 13.77 -8.19
CA LYS A 105 -8.81 13.35 -8.75
C LYS A 105 -7.62 13.76 -7.88
N LYS A 106 -7.78 14.77 -7.03
CA LYS A 106 -6.69 15.14 -6.13
C LYS A 106 -6.31 14.02 -5.16
N TYR A 107 -7.24 13.10 -4.87
CA TYR A 107 -7.01 12.02 -3.94
C TYR A 107 -6.58 10.70 -4.60
N ARG A 108 -6.49 10.66 -5.93
CA ARG A 108 -6.26 9.42 -6.68
C ARG A 108 -4.93 8.73 -6.32
N TYR A 109 -3.83 9.47 -6.22
CA TYR A 109 -2.54 8.84 -5.88
C TYR A 109 -2.10 9.33 -4.49
N ASN A 110 -2.62 8.69 -3.44
CA ASN A 110 -2.36 9.20 -2.10
C ASN A 110 -1.08 8.59 -1.53
N TYR A 111 0.04 9.29 -1.79
CA TYR A 111 1.32 8.85 -1.28
C TYR A 111 1.47 9.14 0.20
N LEU A 112 0.45 9.73 0.84
CA LEU A 112 0.51 9.88 2.29
C LEU A 112 -0.32 8.82 3.02
N LYS A 113 -0.73 7.74 2.34
CA LYS A 113 -1.53 6.70 3.01
C LYS A 113 -0.97 6.27 4.37
N PRO A 114 0.34 6.05 4.55
CA PRO A 114 0.81 5.59 5.87
C PRO A 114 0.61 6.59 7.01
N PHE A 115 0.28 7.85 6.71
CA PHE A 115 0.18 8.92 7.66
C PHE A 115 -1.29 9.32 7.87
N CYS A 116 -2.22 8.57 7.31
CA CYS A 116 -3.63 8.79 7.54
C CYS A 116 -3.94 8.69 9.02
N LYS A 117 -4.90 9.49 9.49
CA LYS A 117 -5.35 9.36 10.87
C LYS A 117 -6.04 8.01 11.09
N LYS A 118 -6.02 7.56 12.34
CA LYS A 118 -6.51 6.24 12.70
C LYS A 118 -8.01 6.09 12.44
N ALA A 119 -8.37 5.00 11.76
CA ALA A 119 -9.77 4.70 11.47
C ALA A 119 -10.53 4.18 12.69
N ASP A 120 -11.84 4.39 12.69
CA ASP A 120 -12.69 3.73 13.67
C ASP A 120 -12.56 2.22 13.54
N PRO A 121 -12.63 1.47 14.64
CA PRO A 121 -12.62 0.00 14.53
C PRO A 121 -13.77 -0.48 13.68
N CYS A 122 -13.54 -1.58 12.97
CA CYS A 122 -14.55 -2.14 12.05
C CYS A 122 -15.73 -2.66 12.82
N SER B 1 11.15 4.92 13.63
CA SER B 1 9.80 5.07 13.05
C SER B 1 9.84 5.66 11.64
N LEU B 2 8.70 5.66 10.94
CA LEU B 2 8.67 6.26 9.60
C LEU B 2 8.97 7.76 9.64
N PHE B 3 8.76 8.44 10.78
CA PHE B 3 9.16 9.84 10.91
C PHE B 3 10.67 9.98 10.73
N GLU B 4 11.45 9.16 11.45
CA GLU B 4 12.90 9.25 11.32
C GLU B 4 13.37 8.80 9.96
N LEU B 5 12.74 7.75 9.41
CA LEU B 5 13.12 7.30 8.06
C LEU B 5 12.94 8.42 7.04
N GLY B 6 11.79 9.09 7.10
CA GLY B 6 11.55 10.24 6.25
C GLY B 6 12.63 11.29 6.36
N LYS B 7 13.01 11.64 7.59
CA LYS B 7 14.03 12.67 7.75
C LYS B 7 15.36 12.25 7.13
N MET B 8 15.73 10.98 7.30
CA MET B 8 16.96 10.47 6.69
C MET B 8 16.90 10.58 5.17
N ILE B 9 15.78 10.19 4.55
CA ILE B 9 15.65 10.24 3.09
C ILE B 9 15.70 11.69 2.58
N LEU B 10 14.99 12.61 3.24
CA LEU B 10 15.03 14.01 2.84
C LEU B 10 16.46 14.56 2.86
N GLN B 11 17.20 14.28 3.92
CA GLN B 11 18.56 14.85 4.00
C GLN B 11 19.54 14.17 3.02
N GLU B 12 19.38 12.88 2.76
CA GLU B 12 20.35 12.18 1.90
C GLU B 12 20.08 12.41 0.41
N THR B 13 18.80 12.49 0.02
CA THR B 13 18.39 12.58 -1.39
C THR B 13 17.99 13.98 -1.83
N GLY B 14 17.60 14.85 -0.90
CA GLY B 14 17.08 16.16 -1.26
C GLY B 14 15.70 16.15 -1.87
N LYS B 15 15.04 15.01 -1.88
CA LYS B 15 13.72 14.88 -2.46
C LYS B 15 12.66 14.75 -1.37
N ASN B 16 11.43 15.15 -1.71
CA ASN B 16 10.26 14.95 -0.86
C ASN B 16 10.08 13.44 -0.69
N PRO B 17 10.25 12.89 0.51
CA PRO B 17 10.34 11.42 0.62
C PRO B 17 9.05 10.69 0.23
N ALA B 18 7.92 11.06 0.83
CA ALA B 18 6.67 10.35 0.55
C ALA B 18 6.23 10.54 -0.90
N LYS B 19 6.37 11.76 -1.44
CA LYS B 19 5.99 12.00 -2.83
C LYS B 19 6.86 11.20 -3.82
N SER B 20 8.18 11.16 -3.59
CA SER B 20 9.07 10.54 -4.58
C SER B 20 9.18 9.04 -4.42
N TYR B 21 9.02 8.51 -3.18
CA TYR B 21 9.20 7.08 -2.90
C TYR B 21 8.01 6.39 -2.28
N GLY B 22 6.96 7.12 -1.87
CA GLY B 22 5.87 6.55 -1.09
C GLY B 22 5.04 5.50 -1.84
N VAL B 23 5.06 5.50 -3.18
CA VAL B 23 4.37 4.48 -3.98
C VAL B 23 5.24 3.99 -5.13
N TYR B 24 6.57 4.11 -5.00
CA TYR B 24 7.45 3.88 -6.15
C TYR B 24 7.69 2.38 -6.40
N GLY B 25 7.52 1.95 -7.64
CA GLY B 25 7.92 0.59 -7.98
C GLY B 25 7.11 -0.49 -7.25
N CYS B 26 7.71 -1.69 -7.16
CA CYS B 26 7.06 -2.82 -6.50
C CYS B 26 7.38 -2.93 -5.03
N ASN B 27 8.36 -2.15 -4.51
CA ASN B 27 8.84 -2.33 -3.15
C ASN B 27 8.88 -1.08 -2.29
N CYS B 28 8.86 0.11 -2.86
CA CYS B 28 9.03 1.35 -2.10
C CYS B 28 7.72 1.83 -1.51
N GLY B 29 7.74 2.20 -0.23
CA GLY B 29 6.58 2.85 0.36
C GLY B 29 5.49 1.89 0.80
N VAL B 30 4.24 2.30 0.59
CA VAL B 30 3.10 1.52 1.04
C VAL B 30 3.07 0.13 0.38
N GLY B 31 2.47 -0.84 1.08
CA GLY B 31 2.37 -2.19 0.54
C GLY B 31 3.52 -3.10 0.92
N GLY B 32 3.66 -4.17 0.14
CA GLY B 32 4.64 -5.21 0.44
C GLY B 32 5.84 -5.24 -0.48
N ARG B 33 6.31 -6.43 -0.81
CA ARG B 33 7.45 -6.62 -1.71
C ARG B 33 7.01 -7.22 -3.04
N GLY B 34 7.85 -7.06 -4.07
CA GLY B 34 7.55 -7.62 -5.39
C GLY B 34 8.81 -7.65 -6.20
N LYS B 35 8.76 -8.31 -7.35
CA LYS B 35 9.92 -8.31 -8.22
C LYS B 35 10.37 -6.88 -8.52
N PRO B 36 11.64 -6.52 -8.25
CA PRO B 36 12.04 -5.11 -8.37
C PRO B 36 12.15 -4.64 -9.82
N LYS B 37 11.72 -3.39 -10.04
CA LYS B 37 11.77 -2.76 -11.36
C LYS B 37 13.16 -2.22 -11.73
N ASP B 38 13.95 -1.74 -10.77
CA ASP B 38 15.19 -1.01 -11.08
C ASP B 38 16.02 -0.88 -9.79
N ALA B 39 17.16 -0.17 -9.87
CA ALA B 39 18.07 -0.09 -8.72
C ALA B 39 17.43 0.60 -7.52
N THR B 40 16.62 1.65 -7.75
CA THR B 40 15.96 2.30 -6.62
C THR B 40 15.01 1.32 -5.94
N ASP B 41 14.23 0.58 -6.74
CA ASP B 41 13.29 -0.41 -6.19
C ASP B 41 14.03 -1.50 -5.41
N ARG B 42 15.22 -1.92 -5.88
CA ARG B 42 16.00 -2.92 -5.14
C ARG B 42 16.45 -2.41 -3.77
N CYS B 43 16.81 -1.11 -3.65
CA CYS B 43 17.06 -0.53 -2.32
C CYS B 43 15.89 -0.79 -1.38
N CYS B 44 14.67 -0.55 -1.87
CA CYS B 44 13.50 -0.70 -1.03
C CYS B 44 13.20 -2.16 -0.71
N TYR B 45 13.47 -3.04 -1.64
CA TYR B 45 13.35 -4.48 -1.41
C TYR B 45 14.23 -4.93 -0.23
N VAL B 46 15.52 -4.55 -0.27
CA VAL B 46 16.45 -4.89 0.82
C VAL B 46 15.93 -4.35 2.16
N HIS B 47 15.40 -3.13 2.14
CA HIS B 47 14.91 -2.49 3.35
C HIS B 47 13.72 -3.24 3.94
N LYS B 48 12.76 -3.64 3.10
CA LYS B 48 11.61 -4.37 3.63
C LYS B 48 12.02 -5.74 4.17
N CYS B 49 13.01 -6.39 3.56
CA CYS B 49 13.54 -7.62 4.12
C CYS B 49 14.23 -7.35 5.46
N CYS B 50 14.87 -6.19 5.58
CA CYS B 50 15.53 -5.82 6.83
C CYS B 50 14.50 -5.66 7.95
N TYR B 51 13.36 -5.02 7.66
CA TYR B 51 12.30 -4.85 8.64
C TYR B 51 11.74 -6.20 9.07
N LYS B 52 11.64 -7.16 8.13
CA LYS B 52 11.00 -8.43 8.42
C LYS B 52 11.78 -9.24 9.45
N LYS B 53 13.10 -9.12 9.49
CA LYS B 53 13.90 -9.90 10.42
C LYS B 53 13.91 -9.32 11.84
N LEU B 54 13.50 -8.07 12.00
CA LEU B 54 13.42 -7.50 13.34
C LEU B 54 12.36 -8.21 14.16
N THR B 55 12.70 -8.51 15.41
CA THR B 55 11.68 -8.94 16.36
C THR B 55 11.89 -8.17 17.65
N GLY B 56 10.77 -7.78 18.26
CA GLY B 56 10.78 -7.16 19.56
C GLY B 56 10.56 -5.67 19.55
N CYS B 57 10.34 -5.07 18.37
CA CYS B 57 10.04 -3.65 18.26
C CYS B 57 9.25 -3.43 16.97
N ASP B 58 8.59 -2.25 16.87
CA ASP B 58 7.71 -1.95 15.74
C ASP B 58 8.35 -0.96 14.77
N PRO B 59 8.70 -1.38 13.57
CA PRO B 59 9.53 -0.54 12.69
C PRO B 59 8.81 0.70 12.18
N LYS B 60 7.48 0.65 12.09
CA LYS B 60 6.77 1.82 11.60
C LYS B 60 6.57 2.86 12.69
N LYS B 61 6.30 2.44 13.95
CA LYS B 61 5.90 3.37 15.00
C LYS B 61 6.98 3.69 16.03
N ASP B 62 8.01 2.85 16.20
CA ASP B 62 8.90 3.01 17.37
C ASP B 62 10.05 3.98 17.06
N ARG B 63 10.20 4.98 17.94
CA ARG B 63 11.26 5.98 17.76
C ARG B 63 12.59 5.45 18.28
N TYR B 64 13.68 5.68 17.53
CA TYR B 64 15.03 5.30 17.95
C TYR B 64 15.89 6.56 18.02
N SER B 65 17.10 6.46 18.57
CA SER B 65 17.99 7.61 18.67
C SER B 65 19.10 7.54 17.62
N TYR B 66 19.41 8.70 17.03
CA TYR B 66 20.54 8.79 16.12
C TYR B 66 21.05 10.23 16.10
N SER B 67 22.21 10.43 15.46
CA SER B 67 22.76 11.77 15.35
C SER B 67 23.63 11.85 14.08
N TRP B 68 24.12 13.06 13.78
CA TRP B 68 25.06 13.27 12.68
C TRP B 68 26.44 13.61 13.22
N LYS B 69 27.45 12.88 12.73
CA LYS B 69 28.85 13.18 12.98
C LYS B 69 29.40 13.63 11.63
N ASP B 70 29.56 14.94 11.44
CA ASP B 70 29.80 15.50 10.12
C ASP B 70 28.71 15.01 9.14
N LYS B 71 29.07 14.19 8.14
CA LYS B 71 28.11 13.66 7.15
C LYS B 71 27.59 12.26 7.47
N THR B 72 28.04 11.64 8.55
CA THR B 72 27.77 10.25 8.84
C THR B 72 26.59 10.12 9.80
N ILE B 73 25.57 9.35 9.39
CA ILE B 73 24.52 8.97 10.34
C ILE B 73 25.07 7.97 11.33
N VAL B 74 24.88 8.23 12.63
CA VAL B 74 25.37 7.35 13.69
C VAL B 74 24.19 6.90 14.54
N CYS B 75 23.86 5.62 14.45
CA CYS B 75 22.81 5.05 15.30
C CYS B 75 23.30 4.92 16.74
N GLY B 76 22.56 5.49 17.69
CA GLY B 76 22.82 5.23 19.10
C GLY B 76 22.08 3.96 19.46
N GLU B 77 22.78 3.01 20.08
CA GLU B 77 22.12 1.73 20.32
C GLU B 77 21.18 1.89 21.52
N ASN B 78 19.90 2.11 21.23
CA ASN B 78 18.86 2.20 22.24
C ASN B 78 18.70 0.85 22.94
N ASN B 79 18.21 -0.14 22.21
CA ASN B 79 18.34 -1.56 22.57
C ASN B 79 18.70 -2.28 21.27
N SER B 80 18.74 -3.61 21.29
CA SER B 80 19.29 -4.26 20.11
C SER B 80 18.31 -4.24 18.93
N CYS B 81 17.00 -4.42 19.17
CA CYS B 81 16.04 -4.28 18.06
C CYS B 81 16.07 -2.86 17.49
N LEU B 82 16.12 -1.83 18.37
CA LEU B 82 16.07 -0.44 17.92
C LEU B 82 17.35 -0.02 17.20
N LYS B 83 18.52 -0.53 17.63
CA LYS B 83 19.74 -0.28 16.88
C LYS B 83 19.63 -0.88 15.48
N GLU B 84 19.24 -2.15 15.37
CA GLU B 84 19.07 -2.78 14.06
C GLU B 84 18.08 -2.01 13.18
N LEU B 85 16.98 -1.54 13.77
CA LEU B 85 15.97 -0.75 13.03
C LEU B 85 16.60 0.51 12.46
N CYS B 86 17.28 1.28 13.31
CA CYS B 86 18.01 2.45 12.81
C CYS B 86 18.98 2.07 11.69
N GLU B 87 19.73 0.97 11.84
CA GLU B 87 20.66 0.61 10.77
C GLU B 87 19.93 0.26 9.45
N CYS B 88 18.72 -0.34 9.53
CA CYS B 88 17.92 -0.56 8.31
C CYS B 88 17.62 0.77 7.59
N ASP B 89 17.19 1.78 8.35
CA ASP B 89 16.78 3.05 7.76
C ASP B 89 17.96 3.81 7.20
N LYS B 90 19.08 3.83 7.92
CA LYS B 90 20.29 4.48 7.42
C LYS B 90 20.69 3.88 6.06
N ALA B 91 20.70 2.56 5.97
CA ALA B 91 21.14 1.91 4.76
C ALA B 91 20.25 2.28 3.57
N VAL B 92 18.95 2.37 3.78
CA VAL B 92 18.10 2.61 2.60
C VAL B 92 18.21 4.06 2.17
N ALA B 93 18.36 5.00 3.11
CA ALA B 93 18.50 6.40 2.73
C ALA B 93 19.76 6.62 1.91
N ILE B 94 20.87 6.00 2.32
CA ILE B 94 22.12 6.10 1.54
C ILE B 94 21.95 5.44 0.17
N CYS B 95 21.28 4.29 0.12
CA CYS B 95 21.07 3.56 -1.14
C CYS B 95 20.28 4.40 -2.13
N LEU B 96 19.19 5.02 -1.68
CA LEU B 96 18.39 5.82 -2.60
C LEU B 96 19.19 7.00 -3.15
N ARG B 97 19.96 7.68 -2.30
CA ARG B 97 20.85 8.75 -2.75
C ARG B 97 21.79 8.28 -3.86
N GLU B 98 22.41 7.12 -3.68
CA GLU B 98 23.39 6.71 -4.66
C GLU B 98 22.78 6.28 -5.98
N ASN B 99 21.47 6.14 -6.05
CA ASN B 99 20.84 5.69 -7.29
C ASN B 99 19.95 6.75 -7.91
N LEU B 100 20.12 8.02 -7.51
CA LEU B 100 19.34 9.11 -8.10
C LEU B 100 19.56 9.20 -9.61
N ASP B 101 20.71 8.73 -10.09
CA ASP B 101 21.00 8.88 -11.52
C ASP B 101 20.08 8.02 -12.38
N THR B 102 19.39 7.09 -11.75
CA THR B 102 18.57 6.08 -12.39
C THR B 102 17.10 6.19 -11.94
N TYR B 103 16.80 7.09 -11.00
CA TYR B 103 15.42 7.31 -10.59
C TYR B 103 14.55 7.68 -11.79
N ASN B 104 13.39 6.99 -11.92
CA ASN B 104 12.50 7.07 -13.06
C ASN B 104 11.14 7.54 -12.56
N LYS B 105 10.79 8.79 -12.88
CA LYS B 105 9.51 9.36 -12.48
C LYS B 105 8.33 8.52 -12.96
N LYS B 106 8.48 7.79 -14.07
CA LYS B 106 7.40 6.94 -14.57
C LYS B 106 6.96 5.86 -13.58
N TYR B 107 7.83 5.45 -12.64
CA TYR B 107 7.48 4.41 -11.67
C TYR B 107 6.96 4.98 -10.35
N ARG B 108 6.77 6.30 -10.23
CA ARG B 108 6.60 6.93 -8.91
C ARG B 108 5.26 6.60 -8.25
N TYR B 109 4.19 6.50 -9.03
CA TYR B 109 2.87 6.18 -8.48
C TYR B 109 2.44 4.83 -9.04
N ASN B 110 2.95 3.75 -8.45
CA ASN B 110 2.68 2.43 -9.03
C ASN B 110 1.35 1.92 -8.51
N TYR B 111 0.26 2.24 -9.23
CA TYR B 111 -1.08 1.79 -8.86
C TYR B 111 -1.30 0.30 -9.17
N LEU B 112 -0.31 -0.38 -9.73
CA LEU B 112 -0.39 -1.80 -10.01
C LEU B 112 0.43 -2.64 -8.99
N LYS B 113 0.81 -2.04 -7.86
CA LYS B 113 1.56 -2.74 -6.82
C LYS B 113 0.98 -4.11 -6.45
N PRO B 114 -0.34 -4.26 -6.25
CA PRO B 114 -0.85 -5.60 -5.87
C PRO B 114 -0.63 -6.69 -6.91
N PHE B 115 -0.33 -6.31 -8.15
CA PHE B 115 -0.17 -7.24 -9.25
C PHE B 115 1.29 -7.58 -9.52
N CYS B 116 2.23 -7.01 -8.76
CA CYS B 116 3.64 -7.32 -8.92
C CYS B 116 3.89 -8.82 -8.75
N LYS B 117 4.83 -9.34 -9.54
CA LYS B 117 5.24 -10.74 -9.41
C LYS B 117 5.78 -10.99 -8.01
N LYS B 118 5.40 -12.13 -7.46
CA LYS B 118 5.76 -12.50 -6.09
C LYS B 118 7.27 -12.39 -5.88
N ALA B 119 7.67 -11.76 -4.76
CA ALA B 119 9.08 -11.66 -4.41
C ALA B 119 9.66 -12.99 -3.93
N ASP B 120 10.97 -13.14 -4.12
CA ASP B 120 11.72 -14.25 -3.54
C ASP B 120 11.72 -14.14 -2.03
N PRO B 121 11.93 -15.27 -1.33
CA PRO B 121 12.05 -15.20 0.14
C PRO B 121 13.26 -14.36 0.54
N CYS B 122 13.11 -13.62 1.64
CA CYS B 122 14.20 -12.74 2.09
C CYS B 122 15.48 -13.52 2.43
S DMS C . -10.94 -1.19 -4.16
O DMS C . -10.58 -0.05 -5.06
C1 DMS C . -10.21 -0.83 -2.58
C2 DMS C . -12.66 -1.21 -3.63
O1 AIN D . -3.99 -4.51 -2.34
C7 AIN D . -4.86 -4.65 -1.52
O2 AIN D . -4.54 -4.91 -0.34
C3 AIN D . -6.35 -4.46 -1.82
C4 AIN D . -7.29 -4.79 -0.84
C5 AIN D . -8.63 -4.57 -1.05
C6 AIN D . -9.01 -4.10 -2.29
C1 AIN D . -8.12 -3.76 -3.25
C2 AIN D . -6.76 -3.93 -3.04
O3 AIN D . -5.83 -3.65 -4.01
C8 AIN D . -5.56 -2.55 -4.87
O4 AIN D . -5.72 -2.36 -6.08
C9 AIN D . -4.78 -1.46 -4.21
S DMS E . 11.07 3.41 1.85
O DMS E . 12.55 3.18 1.94
C1 DMS E . 10.65 4.66 0.61
C2 DMS E . 10.24 2.01 1.12
S DMS F . -8.58 -2.82 -8.40
O DMS F . -8.73 -1.62 -7.51
C1 DMS F . -6.83 -3.09 -8.71
C2 DMS F . -8.98 -4.35 -7.54
O1 AIN G . 4.38 -0.21 5.14
C7 AIN G . 4.75 0.96 4.99
O2 AIN G . 3.93 1.87 4.90
C3 AIN G . 6.24 1.26 4.82
C4 AIN G . 7.12 0.24 5.03
C5 AIN G . 8.46 0.39 4.82
C6 AIN G . 8.92 1.61 4.45
C1 AIN G . 8.08 2.64 4.26
C2 AIN G . 6.73 2.48 4.41
O3 AIN G . 5.92 3.56 4.26
C8 AIN G . 5.56 4.32 3.22
O4 AIN G . 5.76 5.54 2.89
C9 AIN G . 4.59 3.33 2.63
#